data_5KNT
#
_entry.id   5KNT
#
_cell.length_a   84.655
_cell.length_b   84.655
_cell.length_c   166.819
_cell.angle_alpha   90.000
_cell.angle_beta   90.000
_cell.angle_gamma   120.000
#
_symmetry.space_group_name_H-M   'P 31 2 1'
#
loop_
_entity.id
_entity.type
_entity.pdbx_description
1 polymer 'Hypoxanthine-guanine phosphoribosyltransferase'
2 non-polymer '2-[[(2~{S})-2,3-bis(oxidanyl)propyl]-[2-(6-oxidanylidene-1~{H}-purin-9-yl)ethyl]amino]ethylphosphonic acid'
3 non-polymer 'MAGNESIUM ION'
4 non-polymer '4-(2-HYDROXYETHYL)-1-PIPERAZINE ETHANESULFONIC ACID'
5 water water
#
_entity_poly.entity_id   1
_entity_poly.type   'polypeptide(L)'
_entity_poly.pdbx_seq_one_letter_code
;MVRDMKHTVEVMIPEAEIKARIAELGRQITERYKDSGSDMVLVGLLRGSFMFMADLCREVQVSHEVDFMTASSYGSGMST
TRDVKILKDLDEDIRGKDVLIVEDIIDSGNTLSKVREILSLREPKSLAICTLLDKPSRREVNVPVEFIGFSIPDEFVVGY
GIDYAQRYRHLPYIGKVILLDE
;
_entity_poly.pdbx_strand_id   A,B
#
# COMPACT_ATOMS: atom_id res chain seq x y z
N ASP A 4 1.03 -6.34 25.21
CA ASP A 4 0.74 -7.63 24.58
C ASP A 4 0.17 -8.63 25.60
N MET A 5 -1.16 -8.64 25.74
CA MET A 5 -1.84 -9.53 26.68
C MET A 5 -2.78 -10.46 25.93
N LYS A 6 -3.25 -11.50 26.60
CA LYS A 6 -4.22 -12.43 26.01
C LYS A 6 -5.48 -11.65 25.64
N HIS A 7 -6.07 -11.97 24.49
CA HIS A 7 -7.17 -11.16 23.97
C HIS A 7 -7.99 -11.85 22.90
N THR A 8 -8.87 -11.08 22.28
CA THR A 8 -9.69 -11.53 21.17
C THR A 8 -10.08 -10.33 20.29
N VAL A 9 -10.57 -10.58 19.07
CA VAL A 9 -10.93 -9.49 18.14
C VAL A 9 -12.35 -9.60 17.58
N GLU A 10 -13.19 -8.60 17.84
CA GLU A 10 -14.57 -8.57 17.35
C GLU A 10 -14.76 -7.56 16.22
N VAL A 11 -15.61 -7.87 15.27
CA VAL A 11 -15.88 -6.91 14.21
C VAL A 11 -16.54 -5.67 14.79
N MET A 12 -16.08 -4.51 14.36
CA MET A 12 -16.69 -3.25 14.71
C MET A 12 -17.19 -2.57 13.44
N ILE A 13 -16.33 -2.47 12.44
CA ILE A 13 -16.78 -1.96 11.16
C ILE A 13 -16.56 -3.00 10.08
N PRO A 14 -17.63 -3.70 9.69
CA PRO A 14 -17.60 -4.69 8.63
C PRO A 14 -17.01 -4.14 7.35
N GLU A 15 -16.46 -5.06 6.57
CA GLU A 15 -15.83 -4.81 5.28
C GLU A 15 -16.75 -4.02 4.36
N ALA A 16 -18.02 -4.39 4.35
CA ALA A 16 -18.98 -3.74 3.44
C ALA A 16 -19.24 -2.29 3.83
N GLU A 17 -19.16 -1.99 5.12
CA GLU A 17 -19.41 -0.63 5.57
C GLU A 17 -18.22 0.26 5.22
N ILE A 18 -17.01 -0.27 5.39
CA ILE A 18 -15.80 0.41 4.95
C ILE A 18 -15.87 0.70 3.45
N LYS A 19 -16.27 -0.31 2.67
CA LYS A 19 -16.29 -0.16 1.22
C LYS A 19 -17.30 0.92 0.86
N ALA A 20 -18.42 0.93 1.57
CA ALA A 20 -19.47 1.91 1.32
C ALA A 20 -18.97 3.33 1.64
N ARG A 21 -18.27 3.45 2.77
CA ARG A 21 -17.78 4.76 3.21
C ARG A 21 -16.71 5.31 2.28
N ILE A 22 -15.87 4.40 1.79
CA ILE A 22 -14.74 4.77 0.94
C ILE A 22 -15.21 5.25 -0.42
N ALA A 23 -16.27 4.61 -0.92
CA ALA A 23 -16.95 5.09 -2.11
C ALA A 23 -17.43 6.53 -1.92
N GLU A 24 -18.04 6.81 -0.76
N GLU A 24 -18.05 6.85 -0.78
CA GLU A 24 -18.48 8.15 -0.42
CA GLU A 24 -18.48 8.24 -0.55
C GLU A 24 -17.31 9.13 -0.41
C GLU A 24 -17.27 9.16 -0.47
N LEU A 25 -16.21 8.73 0.21
CA LEU A 25 -15.01 9.56 0.27
C LEU A 25 -14.46 9.79 -1.13
N GLY A 26 -14.57 8.76 -1.95
CA GLY A 26 -14.16 8.87 -3.33
C GLY A 26 -14.88 9.99 -4.05
N ARG A 27 -16.21 10.02 -3.94
CA ARG A 27 -17.01 11.05 -4.62
C ARG A 27 -16.67 12.44 -4.07
N GLN A 28 -16.51 12.56 -2.75
CA GLN A 28 -16.18 13.86 -2.16
C GLN A 28 -14.85 14.40 -2.64
N ILE A 29 -13.82 13.55 -2.60
CA ILE A 29 -12.49 13.95 -3.01
C ILE A 29 -12.49 14.32 -4.50
N THR A 30 -13.16 13.51 -5.31
CA THR A 30 -13.29 13.78 -6.75
C THR A 30 -13.94 15.13 -7.00
N GLU A 31 -14.98 15.40 -6.22
CA GLU A 31 -15.73 16.64 -6.34
C GLU A 31 -14.85 17.83 -5.99
N ARG A 32 -14.13 17.76 -4.88
CA ARG A 32 -13.29 18.88 -4.43
C ARG A 32 -12.15 19.16 -5.39
N TYR A 33 -11.68 18.14 -6.13
CA TYR A 33 -10.46 18.31 -6.93
C TYR A 33 -10.68 18.21 -8.44
N LYS A 34 -11.90 17.88 -8.86
CA LYS A 34 -12.22 17.69 -10.29
C LYS A 34 -11.72 18.82 -11.18
N ASP A 35 -11.82 20.06 -10.69
CA ASP A 35 -11.64 21.22 -11.55
C ASP A 35 -10.33 21.95 -11.35
N SER A 36 -9.49 21.43 -10.47
CA SER A 36 -8.27 22.14 -10.09
C SER A 36 -7.29 22.35 -11.24
N GLY A 37 -7.14 21.36 -12.11
CA GLY A 37 -6.22 21.52 -13.22
C GLY A 37 -4.78 21.14 -12.89
N SER A 38 -4.25 21.69 -11.80
CA SER A 38 -2.95 21.27 -11.26
C SER A 38 -2.82 19.76 -11.09
N ASP A 39 -1.59 19.28 -10.98
CA ASP A 39 -1.34 17.85 -10.75
C ASP A 39 -1.74 17.47 -9.33
N MET A 40 -2.34 16.30 -9.18
CA MET A 40 -2.72 15.82 -7.84
C MET A 40 -1.84 14.66 -7.38
N VAL A 41 -1.59 14.58 -6.07
CA VAL A 41 -0.93 13.41 -5.51
C VAL A 41 -1.49 13.02 -4.14
N LEU A 42 -1.81 11.74 -3.96
CA LEU A 42 -2.16 11.24 -2.62
C LEU A 42 -0.92 10.69 -1.96
N VAL A 43 -0.69 11.14 -0.73
CA VAL A 43 0.48 10.75 0.04
C VAL A 43 0.10 9.92 1.24
N GLY A 44 0.48 8.66 1.25
CA GLY A 44 0.13 7.82 2.38
C GLY A 44 1.25 7.77 3.40
N LEU A 45 0.88 7.66 4.66
CA LEU A 45 1.84 7.48 5.73
C LEU A 45 1.92 6.01 6.10
N LEU A 46 3.05 5.39 5.80
CA LEU A 46 3.26 3.96 6.05
C LEU A 46 3.53 3.68 7.54
N ARG A 47 3.19 2.49 8.02
CA ARG A 47 2.60 1.44 7.19
C ARG A 47 1.08 1.48 7.21
N GLY A 48 0.52 1.99 8.30
CA GLY A 48 -0.91 1.89 8.56
C GLY A 48 -1.90 2.23 7.44
N SER A 49 -1.48 3.04 6.48
CA SER A 49 -2.43 3.57 5.52
C SER A 49 -2.48 2.83 4.19
N PHE A 50 -1.72 1.74 4.04
CA PHE A 50 -1.50 1.19 2.69
C PHE A 50 -2.80 0.60 2.12
N MET A 51 -3.55 -0.15 2.92
CA MET A 51 -4.81 -0.74 2.46
C MET A 51 -5.86 0.33 2.11
N PHE A 52 -6.07 1.25 3.05
CA PHE A 52 -6.96 2.39 2.89
C PHE A 52 -6.63 3.13 1.59
N MET A 53 -5.34 3.44 1.43
CA MET A 53 -4.87 4.09 0.22
C MET A 53 -5.25 3.30 -1.05
N ALA A 54 -5.10 1.97 -0.99
CA ALA A 54 -5.35 1.10 -2.14
C ALA A 54 -6.80 1.14 -2.58
N ASP A 55 -7.72 1.12 -1.62
CA ASP A 55 -9.15 1.20 -1.94
C ASP A 55 -9.57 2.61 -2.28
N LEU A 56 -9.02 3.59 -1.57
CA LEU A 56 -9.44 4.97 -1.73
C LEU A 56 -9.02 5.52 -3.08
N CYS A 57 -7.76 5.33 -3.48
CA CYS A 57 -7.27 5.90 -4.75
C CYS A 57 -8.07 5.33 -5.92
N ARG A 58 -8.56 4.09 -5.77
CA ARG A 58 -9.36 3.46 -6.83
C ARG A 58 -10.72 4.14 -6.99
N GLU A 59 -11.20 4.78 -5.92
CA GLU A 59 -12.47 5.49 -5.95
C GLU A 59 -12.33 6.97 -6.30
N VAL A 60 -11.11 7.43 -6.52
CA VAL A 60 -10.89 8.83 -6.82
C VAL A 60 -10.80 9.01 -8.32
N GLN A 61 -11.75 9.73 -8.90
CA GLN A 61 -11.90 9.76 -10.36
C GLN A 61 -11.21 10.95 -11.00
N VAL A 62 -10.02 11.25 -10.50
CA VAL A 62 -9.22 12.35 -10.98
C VAL A 62 -7.82 11.81 -11.16
N SER A 63 -7.17 12.11 -12.26
CA SER A 63 -5.78 11.67 -12.44
C SER A 63 -4.91 12.15 -11.28
N HIS A 64 -4.16 11.23 -10.71
CA HIS A 64 -3.27 11.59 -9.63
C HIS A 64 -2.14 10.60 -9.50
N GLU A 65 -1.09 11.03 -8.81
CA GLU A 65 0.01 10.17 -8.46
C GLU A 65 -0.17 9.61 -7.05
N VAL A 66 0.48 8.49 -6.74
CA VAL A 66 0.45 7.92 -5.41
C VAL A 66 1.86 7.88 -4.85
N ASP A 67 2.04 8.41 -3.66
CA ASP A 67 3.36 8.44 -3.03
C ASP A 67 3.24 8.03 -1.57
N PHE A 68 4.37 7.74 -0.95
CA PHE A 68 4.39 7.23 0.39
C PHE A 68 5.49 7.82 1.21
N MET A 69 5.30 7.78 2.52
CA MET A 69 6.22 8.43 3.42
C MET A 69 6.20 7.63 4.71
N THR A 70 7.35 7.51 5.33
CA THR A 70 7.42 6.77 6.57
C THR A 70 8.05 7.66 7.60
N ALA A 71 7.27 7.95 8.64
CA ALA A 71 7.69 8.89 9.66
C ALA A 71 7.72 8.17 10.99
N SER A 72 8.45 8.72 11.94
CA SER A 72 8.51 8.11 13.26
C SER A 72 9.00 9.13 14.27
N SER A 73 8.70 8.89 15.54
CA SER A 73 9.20 9.73 16.62
C SER A 73 10.67 9.45 16.90
N ARG A 82 8.54 12.95 21.60
CA ARG A 82 9.69 12.88 20.70
C ARG A 82 9.47 13.68 19.40
N ASP A 83 10.56 13.90 18.67
CA ASP A 83 10.52 14.68 17.42
C ASP A 83 10.17 13.76 16.24
N VAL A 84 9.26 14.21 15.39
CA VAL A 84 8.86 13.48 14.20
C VAL A 84 9.96 13.47 13.14
N LYS A 85 10.50 12.28 12.87
CA LYS A 85 11.58 12.16 11.89
C LYS A 85 11.21 11.26 10.74
N ILE A 86 11.74 11.61 9.58
CA ILE A 86 11.43 10.95 8.33
C ILE A 86 12.33 9.74 8.05
N LEU A 87 11.77 8.53 8.11
CA LEU A 87 12.54 7.31 7.81
C LEU A 87 12.62 7.10 6.31
N LYS A 88 11.58 7.54 5.62
N LYS A 88 11.61 7.59 5.61
CA LYS A 88 11.56 7.51 4.17
CA LYS A 88 11.57 7.49 4.16
C LYS A 88 10.74 8.67 3.67
C LYS A 88 10.73 8.64 3.63
N ASP A 89 11.35 9.49 2.83
CA ASP A 89 10.66 10.63 2.29
C ASP A 89 9.94 10.23 1.03
N LEU A 90 9.11 11.15 0.54
CA LEU A 90 8.43 10.98 -0.73
C LEU A 90 9.43 10.71 -1.85
N ASP A 91 9.02 9.98 -2.87
CA ASP A 91 9.85 9.85 -4.06
C ASP A 91 9.68 11.05 -4.98
N GLU A 92 8.49 11.63 -5.03
CA GLU A 92 8.27 12.70 -6.00
C GLU A 92 8.11 14.08 -5.36
N ASP A 93 8.23 15.11 -6.18
CA ASP A 93 8.08 16.47 -5.70
C ASP A 93 6.62 16.82 -5.63
N ILE A 94 6.25 17.61 -4.63
CA ILE A 94 4.86 17.98 -4.46
C ILE A 94 4.64 19.48 -4.66
N ARG A 95 5.72 20.22 -4.90
CA ARG A 95 5.63 21.64 -5.18
C ARG A 95 4.62 21.98 -6.27
N GLY A 96 3.73 22.92 -5.99
CA GLY A 96 2.73 23.34 -6.96
C GLY A 96 1.60 22.37 -7.23
N LYS A 97 1.47 21.36 -6.39
CA LYS A 97 0.48 20.32 -6.62
C LYS A 97 -0.54 20.25 -5.51
N ASP A 98 -1.71 19.70 -5.84
CA ASP A 98 -2.72 19.35 -4.85
C ASP A 98 -2.34 18.06 -4.16
N VAL A 99 -2.14 18.14 -2.86
CA VAL A 99 -1.64 17.04 -2.07
C VAL A 99 -2.66 16.63 -1.03
N LEU A 100 -3.07 15.37 -1.06
CA LEU A 100 -3.96 14.84 -0.05
C LEU A 100 -3.23 13.77 0.78
N ILE A 101 -3.03 14.08 2.05
CA ILE A 101 -2.36 13.14 2.95
C ILE A 101 -3.36 12.09 3.35
N VAL A 102 -2.99 10.81 3.23
CA VAL A 102 -3.91 9.72 3.53
C VAL A 102 -3.38 8.94 4.71
N GLU A 103 -4.19 8.84 5.75
CA GLU A 103 -3.71 8.30 7.01
C GLU A 103 -4.76 7.37 7.61
N ASP A 104 -4.32 6.44 8.45
CA ASP A 104 -5.26 5.48 9.00
C ASP A 104 -6.03 6.06 10.19
N ILE A 105 -5.32 6.66 11.14
CA ILE A 105 -5.93 7.20 12.34
C ILE A 105 -5.36 8.55 12.75
N ILE A 106 -6.23 9.47 13.12
CA ILE A 106 -5.78 10.60 13.90
C ILE A 106 -6.40 10.52 15.29
N ASP A 107 -5.54 10.69 16.29
CA ASP A 107 -5.92 10.58 17.68
C ASP A 107 -5.58 11.90 18.39
N SER A 108 -4.34 11.97 18.85
CA SER A 108 -3.80 13.12 19.54
C SER A 108 -3.60 14.27 18.57
N GLY A 109 -3.21 13.93 17.35
CA GLY A 109 -3.01 14.91 16.30
C GLY A 109 -1.57 15.28 16.08
N ASN A 110 -0.70 14.74 16.92
CA ASN A 110 0.72 15.10 16.84
C ASN A 110 1.34 14.72 15.51
N THR A 111 1.01 13.54 15.01
CA THR A 111 1.67 13.05 13.81
C THR A 111 1.33 13.87 12.57
N LEU A 112 0.04 13.97 12.27
CA LEU A 112 -0.41 14.71 11.10
C LEU A 112 -0.03 16.19 11.21
N SER A 113 0.02 16.69 12.45
CA SER A 113 0.48 18.05 12.71
C SER A 113 1.88 18.28 12.16
N LYS A 114 2.84 17.49 12.63
CA LYS A 114 4.22 17.65 12.19
C LYS A 114 4.40 17.26 10.73
N VAL A 115 3.70 16.24 10.26
CA VAL A 115 3.84 15.87 8.85
C VAL A 115 3.33 17.00 7.95
N ARG A 116 2.23 17.62 8.34
CA ARG A 116 1.68 18.72 7.55
C ARG A 116 2.67 19.89 7.48
N GLU A 117 3.25 20.28 8.62
CA GLU A 117 4.30 21.28 8.65
C GLU A 117 5.41 20.98 7.64
N ILE A 118 5.98 19.78 7.75
CA ILE A 118 7.10 19.39 6.90
C ILE A 118 6.77 19.51 5.44
N LEU A 119 5.61 18.99 5.05
CA LEU A 119 5.23 18.97 3.64
C LEU A 119 4.87 20.37 3.12
N SER A 120 4.27 21.17 3.99
CA SER A 120 3.97 22.58 3.75
C SER A 120 5.17 23.36 3.24
N LEU A 121 6.34 23.11 3.82
CA LEU A 121 7.58 23.76 3.42
C LEU A 121 7.91 23.55 1.95
N ARG A 122 7.34 22.51 1.34
CA ARG A 122 7.62 22.24 -0.07
C ARG A 122 6.68 23.01 -0.97
N GLU A 123 5.78 23.76 -0.35
CA GLU A 123 4.93 24.72 -1.05
C GLU A 123 4.08 24.07 -2.13
N PRO A 124 3.24 23.11 -1.74
CA PRO A 124 2.25 22.58 -2.67
C PRO A 124 1.15 23.61 -2.94
N LYS A 125 0.46 23.47 -4.07
CA LYS A 125 -0.72 24.25 -4.34
C LYS A 125 -1.70 24.20 -3.17
N SER A 126 -2.02 22.99 -2.74
CA SER A 126 -2.94 22.81 -1.62
C SER A 126 -2.53 21.61 -0.79
N LEU A 127 -3.05 21.55 0.43
CA LEU A 127 -2.67 20.54 1.38
C LEU A 127 -3.85 20.16 2.25
N ALA A 128 -4.39 18.98 2.02
CA ALA A 128 -5.53 18.51 2.80
C ALA A 128 -5.23 17.15 3.42
N ILE A 129 -6.03 16.74 4.39
CA ILE A 129 -5.84 15.45 5.02
C ILE A 129 -7.09 14.59 4.87
N CYS A 130 -6.89 13.31 4.57
CA CYS A 130 -7.97 12.33 4.60
C CYS A 130 -7.63 11.21 5.56
N THR A 131 -8.40 11.07 6.62
CA THR A 131 -8.13 10.02 7.59
C THR A 131 -9.29 9.03 7.67
N LEU A 132 -8.97 7.75 7.81
CA LEU A 132 -9.97 6.69 7.88
C LEU A 132 -10.73 6.75 9.20
N LEU A 133 -9.99 7.01 10.26
CA LEU A 133 -10.56 7.02 11.59
C LEU A 133 -10.13 8.28 12.30
N ASP A 134 -11.10 8.88 12.97
CA ASP A 134 -10.85 9.99 13.86
C ASP A 134 -11.28 9.59 15.24
N LYS A 135 -10.34 9.64 16.19
CA LYS A 135 -10.70 9.69 17.60
C LYS A 135 -10.61 11.14 18.05
N PRO A 136 -11.78 11.81 18.14
CA PRO A 136 -11.83 13.26 18.34
C PRO A 136 -11.34 13.66 19.72
N SER A 137 -11.70 12.88 20.73
CA SER A 137 -11.23 13.13 22.10
C SER A 137 -9.70 13.17 22.18
N ARG A 138 -9.18 13.64 23.30
CA ARG A 138 -7.74 13.57 23.53
C ARG A 138 -6.90 14.38 22.52
N ARG A 139 -7.53 15.29 21.80
CA ARG A 139 -6.81 16.05 20.79
C ARG A 139 -5.92 17.09 21.45
N GLU A 140 -4.62 16.90 21.31
CA GLU A 140 -3.61 17.77 21.93
C GLU A 140 -3.32 18.99 21.06
N VAL A 141 -3.09 18.75 19.78
CA VAL A 141 -2.94 19.82 18.82
C VAL A 141 -4.06 19.69 17.81
N ASN A 142 -4.74 20.80 17.55
N ASN A 142 -4.72 20.80 17.50
CA ASN A 142 -5.81 20.79 16.56
CA ASN A 142 -5.86 20.75 16.61
C ASN A 142 -5.23 20.87 15.17
C ASN A 142 -5.46 20.94 15.15
N VAL A 143 -5.55 19.87 14.36
CA VAL A 143 -5.14 19.87 12.96
C VAL A 143 -6.41 19.73 12.11
N PRO A 144 -6.48 20.48 11.01
CA PRO A 144 -7.63 20.46 10.09
C PRO A 144 -7.66 19.21 9.22
N VAL A 145 -8.73 18.44 9.32
CA VAL A 145 -8.90 17.25 8.51
C VAL A 145 -10.19 17.37 7.69
N GLU A 146 -9.99 17.48 6.39
N GLU A 146 -10.06 17.51 6.37
CA GLU A 146 -11.05 17.70 5.42
CA GLU A 146 -11.26 17.70 5.56
C GLU A 146 -11.96 16.48 5.23
C GLU A 146 -12.07 16.41 5.43
N PHE A 147 -11.38 15.29 5.24
CA PHE A 147 -12.10 14.04 4.97
C PHE A 147 -11.89 12.98 6.03
N ILE A 148 -12.99 12.49 6.60
CA ILE A 148 -12.91 11.53 7.69
C ILE A 148 -13.77 10.32 7.38
N GLY A 149 -13.25 9.13 7.62
CA GLY A 149 -14.01 7.95 7.34
C GLY A 149 -15.06 7.74 8.41
N PHE A 150 -14.58 7.56 9.64
CA PHE A 150 -15.41 7.22 10.78
C PHE A 150 -14.90 7.98 12.01
N SER A 151 -15.80 8.61 12.78
CA SER A 151 -15.43 9.10 14.12
C SER A 151 -15.78 8.02 15.10
N ILE A 152 -14.86 7.68 15.97
CA ILE A 152 -15.12 6.58 16.89
C ILE A 152 -14.77 6.99 18.31
N PRO A 153 -15.30 6.26 19.29
CA PRO A 153 -14.98 6.51 20.70
C PRO A 153 -13.54 6.16 20.93
N ASP A 154 -13.07 6.34 22.16
CA ASP A 154 -11.69 6.02 22.44
C ASP A 154 -11.52 4.51 22.62
N GLU A 155 -11.89 3.77 21.59
CA GLU A 155 -11.72 2.32 21.55
C GLU A 155 -10.39 1.92 20.90
N PHE A 156 -9.78 0.85 21.37
CA PHE A 156 -8.56 0.34 20.73
C PHE A 156 -8.91 -0.64 19.61
N VAL A 157 -8.71 -0.19 18.37
CA VAL A 157 -9.13 -0.99 17.23
C VAL A 157 -7.94 -1.48 16.39
N VAL A 158 -8.17 -2.54 15.61
CA VAL A 158 -7.15 -3.10 14.73
C VAL A 158 -7.80 -3.42 13.41
N GLY A 159 -6.98 -3.76 12.42
CA GLY A 159 -7.50 -4.19 11.15
C GLY A 159 -7.37 -3.15 10.07
N TYR A 160 -7.77 -3.51 8.87
CA TYR A 160 -7.73 -2.66 7.69
C TYR A 160 -6.45 -1.82 7.63
N GLY A 161 -5.33 -2.43 7.96
CA GLY A 161 -4.04 -1.76 7.90
C GLY A 161 -3.47 -1.47 9.27
N ILE A 162 -4.35 -1.45 10.27
CA ILE A 162 -4.01 -1.04 11.61
C ILE A 162 -3.60 -2.23 12.43
N ASP A 163 -2.44 -2.13 13.09
CA ASP A 163 -1.90 -3.25 13.84
C ASP A 163 -2.13 -3.16 15.33
N TYR A 164 -1.97 -4.31 15.96
CA TYR A 164 -1.76 -4.39 17.39
C TYR A 164 -0.49 -5.22 17.58
N ALA A 165 0.61 -4.54 17.87
CA ALA A 165 1.90 -5.22 17.99
C ALA A 165 2.24 -5.98 16.71
N GLN A 166 2.01 -5.33 15.58
CA GLN A 166 2.30 -5.89 14.25
C GLN A 166 1.29 -6.94 13.74
N ARG A 167 0.31 -7.32 14.57
CA ARG A 167 -0.73 -8.25 14.13
C ARG A 167 -1.97 -7.56 13.56
N TYR A 168 -2.76 -8.34 12.83
CA TYR A 168 -4.10 -7.97 12.33
C TYR A 168 -4.19 -6.93 11.22
N ARG A 169 -3.04 -6.49 10.68
CA ARG A 169 -3.07 -5.51 9.57
C ARG A 169 -3.85 -5.98 8.36
N HIS A 170 -3.98 -7.29 8.19
CA HIS A 170 -4.54 -7.86 6.97
C HIS A 170 -6.03 -8.18 7.08
N LEU A 171 -6.61 -7.96 8.26
CA LEU A 171 -8.06 -8.06 8.39
C LEU A 171 -8.74 -7.09 7.41
N PRO A 172 -9.82 -7.55 6.76
CA PRO A 172 -10.58 -6.73 5.83
C PRO A 172 -11.61 -5.87 6.53
N TYR A 173 -11.74 -6.01 7.85
CA TYR A 173 -12.66 -5.19 8.64
C TYR A 173 -11.90 -4.47 9.73
N ILE A 174 -12.53 -3.47 10.33
CA ILE A 174 -12.01 -2.86 11.56
C ILE A 174 -12.55 -3.65 12.74
N GLY A 175 -11.67 -4.01 13.66
CA GLY A 175 -12.08 -4.81 14.79
C GLY A 175 -11.63 -4.22 16.10
N LYS A 176 -12.28 -4.68 17.18
CA LYS A 176 -11.97 -4.18 18.50
C LYS A 176 -11.25 -5.27 19.27
N VAL A 177 -10.12 -4.92 19.85
CA VAL A 177 -9.36 -5.86 20.66
C VAL A 177 -10.01 -5.99 22.03
N ILE A 178 -10.26 -7.22 22.45
CA ILE A 178 -10.87 -7.46 23.74
C ILE A 178 -9.94 -8.16 24.70
N LEU A 179 -9.45 -7.42 25.70
CA LEU A 179 -8.52 -7.98 26.68
C LEU A 179 -9.20 -8.96 27.65
N LEU A 180 -8.42 -9.86 28.25
CA LEU A 180 -8.95 -10.89 29.14
C LEU A 180 -8.30 -10.81 30.52
N ASP B 4 7.32 10.58 -22.42
CA ASP B 4 6.30 11.56 -22.76
C ASP B 4 5.88 11.44 -24.23
N MET B 5 5.02 10.49 -24.54
CA MET B 5 4.53 10.31 -25.90
C MET B 5 3.02 10.18 -25.94
N LYS B 6 2.41 10.71 -27.00
CA LYS B 6 0.97 10.60 -27.20
C LYS B 6 0.56 9.13 -27.21
N HIS B 7 -0.36 8.76 -26.33
CA HIS B 7 -0.72 7.36 -26.12
C HIS B 7 -2.17 7.18 -25.69
N THR B 8 -2.62 5.93 -25.66
CA THR B 8 -3.90 5.54 -25.07
C THR B 8 -3.69 4.37 -24.11
N VAL B 9 -4.68 4.09 -23.29
CA VAL B 9 -4.63 2.90 -22.43
C VAL B 9 -5.75 1.95 -22.82
N GLU B 10 -5.44 0.67 -22.89
CA GLU B 10 -6.43 -0.33 -23.26
C GLU B 10 -6.43 -1.46 -22.26
N VAL B 11 -7.59 -2.02 -21.97
CA VAL B 11 -7.71 -3.01 -20.91
C VAL B 11 -7.08 -4.31 -21.34
N MET B 12 -6.16 -4.83 -20.53
CA MET B 12 -5.61 -6.16 -20.75
C MET B 12 -6.17 -7.12 -19.74
N ILE B 13 -6.22 -6.72 -18.48
CA ILE B 13 -6.86 -7.56 -17.48
C ILE B 13 -7.87 -6.73 -16.69
N PRO B 14 -9.16 -6.96 -16.96
CA PRO B 14 -10.25 -6.27 -16.26
C PRO B 14 -10.19 -6.50 -14.77
N GLU B 15 -10.80 -5.59 -14.03
CA GLU B 15 -10.80 -5.62 -12.59
C GLU B 15 -11.36 -6.91 -12.02
N ALA B 16 -12.42 -7.42 -12.61
CA ALA B 16 -13.06 -8.60 -12.06
C ALA B 16 -12.15 -9.82 -12.22
N GLU B 17 -11.36 -9.86 -13.29
CA GLU B 17 -10.41 -10.96 -13.50
C GLU B 17 -9.29 -10.89 -12.46
N ILE B 18 -8.80 -9.68 -12.18
CA ILE B 18 -7.78 -9.52 -11.15
C ILE B 18 -8.31 -9.98 -9.80
N LYS B 19 -9.54 -9.57 -9.49
CA LYS B 19 -10.12 -9.95 -8.20
C LYS B 19 -10.19 -11.46 -8.09
N ALA B 20 -10.64 -12.12 -9.15
CA ALA B 20 -10.77 -13.59 -9.12
C ALA B 20 -9.42 -14.27 -8.94
N ARG B 21 -8.41 -13.76 -9.63
CA ARG B 21 -7.09 -14.34 -9.61
C ARG B 21 -6.47 -14.21 -8.22
N ILE B 22 -6.60 -13.01 -7.65
CA ILE B 22 -6.06 -12.74 -6.31
C ILE B 22 -6.71 -13.64 -5.26
N ALA B 23 -8.01 -13.86 -5.40
CA ALA B 23 -8.70 -14.83 -4.56
C ALA B 23 -8.05 -16.22 -4.63
N GLU B 24 -7.75 -16.69 -5.84
CA GLU B 24 -7.08 -17.99 -6.02
C GLU B 24 -5.70 -17.99 -5.42
N LEU B 25 -4.91 -16.98 -5.76
CA LEU B 25 -3.58 -16.85 -5.19
C LEU B 25 -3.69 -16.92 -3.69
N GLY B 26 -4.66 -16.18 -3.16
CA GLY B 26 -4.93 -16.22 -1.74
C GLY B 26 -5.11 -17.63 -1.20
N ARG B 27 -6.03 -18.39 -1.78
CA ARG B 27 -6.28 -19.75 -1.33
C ARG B 27 -5.00 -20.61 -1.39
N GLN B 28 -4.23 -20.48 -2.48
CA GLN B 28 -2.99 -21.25 -2.63
C GLN B 28 -1.98 -20.91 -1.55
N ILE B 29 -1.76 -19.62 -1.34
CA ILE B 29 -0.82 -19.16 -0.34
C ILE B 29 -1.24 -19.67 1.04
N THR B 30 -2.55 -19.64 1.29
CA THR B 30 -3.07 -20.07 2.59
C THR B 30 -2.80 -21.55 2.80
N GLU B 31 -3.18 -22.35 1.81
CA GLU B 31 -2.88 -23.77 1.81
C GLU B 31 -1.40 -24.02 2.09
N ARG B 32 -0.52 -23.30 1.41
CA ARG B 32 0.92 -23.48 1.63
C ARG B 32 1.36 -23.20 3.07
N TYR B 33 0.88 -22.14 3.71
CA TYR B 33 1.48 -21.76 4.99
C TYR B 33 0.65 -22.06 6.25
N LYS B 34 -0.58 -22.53 6.07
CA LYS B 34 -1.52 -22.68 7.18
C LYS B 34 -1.01 -23.55 8.32
N ASP B 35 -0.06 -24.43 8.03
CA ASP B 35 0.38 -25.39 9.03
C ASP B 35 1.76 -25.06 9.57
N SER B 36 2.36 -23.98 9.09
CA SER B 36 3.75 -23.68 9.41
C SER B 36 4.00 -23.47 10.89
N GLY B 37 3.21 -22.62 11.53
CA GLY B 37 3.38 -22.37 12.96
C GLY B 37 4.38 -21.26 13.25
N SER B 38 5.40 -21.17 12.41
CA SER B 38 6.32 -20.04 12.42
C SER B 38 5.59 -18.75 12.05
N ASP B 39 6.08 -17.62 12.52
CA ASP B 39 5.55 -16.33 12.11
C ASP B 39 5.71 -16.13 10.62
N MET B 40 4.77 -15.40 10.04
CA MET B 40 4.79 -15.16 8.62
C MET B 40 4.71 -13.68 8.31
N VAL B 41 5.48 -13.23 7.35
CA VAL B 41 5.43 -11.83 6.95
C VAL B 41 5.33 -11.72 5.42
N LEU B 42 4.45 -10.83 4.94
CA LEU B 42 4.44 -10.51 3.51
C LEU B 42 5.25 -9.26 3.31
N VAL B 43 6.24 -9.33 2.43
CA VAL B 43 7.07 -8.18 2.20
C VAL B 43 6.79 -7.56 0.83
N GLY B 44 6.22 -6.37 0.82
CA GLY B 44 5.94 -5.68 -0.42
C GLY B 44 7.11 -4.83 -0.87
N LEU B 45 7.26 -4.71 -2.18
CA LEU B 45 8.28 -3.87 -2.77
C LEU B 45 7.65 -2.58 -3.28
N LEU B 46 8.10 -1.44 -2.76
CA LEU B 46 7.43 -0.17 -3.08
C LEU B 46 8.02 0.54 -4.30
N ARG B 47 7.17 1.35 -4.92
CA ARG B 47 5.82 1.46 -4.39
C ARG B 47 4.77 0.74 -5.25
N GLY B 48 5.20 0.11 -6.34
CA GLY B 48 4.29 -0.54 -7.26
C GLY B 48 3.35 -1.57 -6.66
N SER B 49 3.78 -2.21 -5.61
CA SER B 49 3.06 -3.36 -5.07
C SER B 49 2.02 -3.05 -3.99
N PHE B 50 1.76 -1.78 -3.70
CA PHE B 50 0.90 -1.44 -2.56
C PHE B 50 -0.54 -1.95 -2.79
N MET B 51 -1.06 -1.77 -4.00
CA MET B 51 -2.43 -2.18 -4.30
C MET B 51 -2.58 -3.67 -4.20
N PHE B 52 -1.65 -4.36 -4.87
CA PHE B 52 -1.63 -5.81 -4.92
C PHE B 52 -1.52 -6.38 -3.51
N MET B 53 -0.58 -5.85 -2.73
CA MET B 53 -0.44 -6.30 -1.34
C MET B 53 -1.76 -6.13 -0.58
N ALA B 54 -2.32 -4.92 -0.65
CA ALA B 54 -3.59 -4.62 -0.01
C ALA B 54 -4.68 -5.66 -0.27
N ASP B 55 -4.88 -6.03 -1.53
CA ASP B 55 -5.89 -7.01 -1.89
C ASP B 55 -5.49 -8.44 -1.55
N LEU B 56 -4.21 -8.77 -1.75
CA LEU B 56 -3.76 -10.14 -1.54
C LEU B 56 -3.85 -10.49 -0.07
N CYS B 57 -3.27 -9.65 0.80
CA CYS B 57 -3.17 -10.01 2.21
C CYS B 57 -4.57 -10.20 2.81
N ARG B 58 -5.56 -9.53 2.23
CA ARG B 58 -6.94 -9.80 2.66
C ARG B 58 -7.42 -11.20 2.27
N GLU B 59 -6.80 -11.82 1.26
CA GLU B 59 -7.17 -13.17 0.82
C GLU B 59 -6.29 -14.25 1.46
N VAL B 60 -5.34 -13.84 2.29
CA VAL B 60 -4.49 -14.81 2.97
C VAL B 60 -5.01 -15.10 4.40
N GLN B 61 -5.60 -16.28 4.59
CA GLN B 61 -6.20 -16.68 5.87
C GLN B 61 -5.21 -17.26 6.85
N VAL B 62 -4.07 -16.60 6.97
CA VAL B 62 -3.04 -17.03 7.90
C VAL B 62 -2.60 -15.78 8.64
N SER B 63 -2.41 -15.88 9.94
CA SER B 63 -1.92 -14.74 10.71
C SER B 63 -0.56 -14.32 10.21
N HIS B 64 -0.45 -13.10 9.71
CA HIS B 64 0.85 -12.61 9.26
C HIS B 64 1.05 -11.13 9.51
N GLU B 65 2.29 -10.69 9.32
CA GLU B 65 2.64 -9.30 9.41
C GLU B 65 2.79 -8.76 7.99
N VAL B 66 2.63 -7.45 7.82
CA VAL B 66 2.84 -6.81 6.52
C VAL B 66 3.92 -5.76 6.71
N ASP B 67 4.89 -5.76 5.80
CA ASP B 67 6.06 -4.90 5.90
C ASP B 67 6.41 -4.53 4.47
N PHE B 68 7.33 -3.60 4.32
CA PHE B 68 7.63 -3.03 3.02
C PHE B 68 9.07 -2.66 2.95
N MET B 69 9.58 -2.65 1.73
CA MET B 69 10.96 -2.37 1.48
C MET B 69 10.93 -1.55 0.22
N THR B 70 11.85 -0.60 0.09
CA THR B 70 11.97 0.12 -1.18
C THR B 70 13.39 -0.08 -1.72
N ALA B 71 13.48 -0.63 -2.92
CA ALA B 71 14.75 -0.88 -3.59
C ALA B 71 14.85 -0.12 -4.90
N SER B 72 16.05 0.30 -5.27
CA SER B 72 16.25 0.75 -6.64
C SER B 72 17.61 0.34 -7.15
N SER B 73 17.65 0.04 -8.45
CA SER B 73 18.89 -0.28 -9.16
C SER B 73 19.80 0.93 -9.30
N THR B 80 22.46 -0.89 -18.35
CA THR B 80 23.64 -0.35 -17.67
C THR B 80 23.74 -0.88 -16.24
N THR B 81 23.26 -2.11 -16.04
CA THR B 81 23.27 -2.84 -14.75
C THR B 81 22.89 -2.02 -13.48
N ARG B 82 23.87 -1.41 -12.81
CA ARG B 82 23.68 -0.65 -11.55
C ARG B 82 23.30 -1.52 -10.35
N ASP B 83 23.86 -1.19 -9.19
CA ASP B 83 23.63 -1.96 -7.99
C ASP B 83 22.22 -1.77 -7.44
N VAL B 84 21.63 -2.85 -6.95
CA VAL B 84 20.37 -2.77 -6.24
C VAL B 84 20.60 -2.29 -4.82
N LYS B 85 20.17 -1.08 -4.51
CA LYS B 85 20.42 -0.49 -3.20
C LYS B 85 19.13 -0.31 -2.43
N ILE B 86 19.24 -0.39 -1.11
CA ILE B 86 18.08 -0.34 -0.24
C ILE B 86 17.77 1.10 0.18
N LEU B 87 16.75 1.70 -0.42
CA LEU B 87 16.33 3.06 -0.06
C LEU B 87 15.56 3.05 1.25
N LYS B 88 14.78 2.00 1.47
CA LYS B 88 14.12 1.81 2.74
C LYS B 88 14.04 0.32 3.06
N ASP B 89 14.67 -0.06 4.16
CA ASP B 89 14.68 -1.44 4.62
C ASP B 89 13.38 -1.81 5.33
N LEU B 90 13.21 -3.09 5.61
CA LEU B 90 12.07 -3.58 6.38
C LEU B 90 12.06 -2.94 7.75
N ASP B 91 10.88 -2.84 8.36
CA ASP B 91 10.80 -2.40 9.75
C ASP B 91 11.06 -3.57 10.68
N GLU B 92 10.63 -4.76 10.27
CA GLU B 92 10.70 -5.94 11.15
C GLU B 92 11.76 -6.95 10.75
N ASP B 93 12.13 -7.79 11.72
CA ASP B 93 13.08 -8.87 11.51
C ASP B 93 12.41 -10.06 10.90
N ILE B 94 13.06 -10.69 9.93
CA ILE B 94 12.48 -11.85 9.29
C ILE B 94 13.15 -13.17 9.65
N ARG B 95 14.22 -13.09 10.43
CA ARG B 95 14.93 -14.29 10.85
C ARG B 95 13.94 -15.28 11.49
N GLY B 96 13.92 -16.50 10.96
CA GLY B 96 13.07 -17.55 11.49
C GLY B 96 11.60 -17.49 11.08
N LYS B 97 11.28 -16.65 10.11
CA LYS B 97 9.89 -16.48 9.70
C LYS B 97 9.68 -16.95 8.26
N ASP B 98 8.45 -17.35 7.94
CA ASP B 98 8.08 -17.54 6.54
C ASP B 98 7.88 -16.18 5.91
N VAL B 99 8.70 -15.91 4.90
CA VAL B 99 8.65 -14.64 4.21
C VAL B 99 8.12 -14.82 2.81
N LEU B 100 7.15 -13.99 2.45
CA LEU B 100 6.64 -13.97 1.10
C LEU B 100 6.84 -12.59 0.49
N ILE B 101 7.60 -12.53 -0.58
CA ILE B 101 7.87 -11.25 -1.23
C ILE B 101 6.78 -10.95 -2.23
N VAL B 102 6.15 -9.78 -2.11
CA VAL B 102 5.04 -9.43 -2.96
C VAL B 102 5.44 -8.33 -3.95
N GLU B 103 5.36 -8.61 -5.23
CA GLU B 103 5.87 -7.70 -6.24
C GLU B 103 4.80 -7.49 -7.29
N ASP B 104 4.81 -6.34 -7.94
CA ASP B 104 3.80 -6.05 -8.96
C ASP B 104 4.18 -6.73 -10.27
N ILE B 105 5.42 -6.54 -10.72
CA ILE B 105 5.87 -7.14 -11.98
C ILE B 105 7.29 -7.67 -11.99
N ILE B 106 7.48 -8.83 -12.59
CA ILE B 106 8.83 -9.27 -12.90
C ILE B 106 8.98 -9.36 -14.41
N ASP B 107 9.98 -8.71 -14.97
CA ASP B 107 10.21 -8.95 -16.39
C ASP B 107 11.65 -9.41 -16.61
N SER B 108 12.64 -8.58 -16.27
CA SER B 108 14.02 -9.03 -16.42
C SER B 108 14.41 -10.01 -15.31
N GLY B 109 13.89 -9.75 -14.10
CA GLY B 109 14.19 -10.57 -12.95
C GLY B 109 15.33 -10.09 -12.08
N ASN B 110 16.08 -9.06 -12.53
CA ASN B 110 17.27 -8.63 -11.79
C ASN B 110 16.92 -8.22 -10.37
N THR B 111 15.86 -7.44 -10.26
CA THR B 111 15.49 -6.83 -9.00
C THR B 111 15.06 -7.87 -7.97
N LEU B 112 14.06 -8.70 -8.30
CA LEU B 112 13.65 -9.75 -7.39
C LEU B 112 14.86 -10.59 -7.03
N SER B 113 15.63 -10.92 -8.06
CA SER B 113 16.82 -11.73 -7.92
C SER B 113 17.74 -11.23 -6.82
N LYS B 114 18.12 -9.95 -6.89
CA LYS B 114 19.03 -9.38 -5.90
C LYS B 114 18.35 -9.19 -4.55
N VAL B 115 17.07 -8.83 -4.56
CA VAL B 115 16.34 -8.64 -3.31
C VAL B 115 16.23 -9.97 -2.56
N ARG B 116 15.94 -11.05 -3.28
N ARG B 116 15.94 -11.04 -3.29
CA ARG B 116 15.87 -12.36 -2.64
CA ARG B 116 15.86 -12.37 -2.69
C ARG B 116 17.20 -12.67 -1.97
C ARG B 116 17.19 -12.73 -2.01
N GLU B 117 18.30 -12.43 -2.69
CA GLU B 117 19.62 -12.63 -2.12
C GLU B 117 19.81 -11.84 -0.84
N ILE B 118 19.51 -10.54 -0.89
CA ILE B 118 19.64 -9.71 0.29
C ILE B 118 18.84 -10.26 1.48
N LEU B 119 17.61 -10.67 1.24
CA LEU B 119 16.73 -11.09 2.35
C LEU B 119 17.14 -12.45 2.92
N SER B 120 17.61 -13.33 2.06
CA SER B 120 18.09 -14.66 2.43
C SER B 120 19.22 -14.61 3.48
N LEU B 121 20.10 -13.61 3.36
CA LEU B 121 21.14 -13.39 4.35
C LEU B 121 20.64 -13.32 5.80
N ARG B 122 19.36 -12.98 6.00
CA ARG B 122 18.86 -12.83 7.35
C ARG B 122 18.26 -14.13 7.86
N GLU B 123 18.31 -15.16 7.01
CA GLU B 123 17.92 -16.51 7.41
C GLU B 123 16.48 -16.61 7.87
N PRO B 124 15.55 -16.23 6.99
CA PRO B 124 14.15 -16.55 7.23
C PRO B 124 13.98 -18.06 7.27
N LYS B 125 12.96 -18.54 7.98
CA LYS B 125 12.60 -19.96 7.89
C LYS B 125 12.44 -20.35 6.42
N SER B 126 11.69 -19.54 5.68
CA SER B 126 11.51 -19.79 4.26
C SER B 126 11.31 -18.49 3.48
N LEU B 127 11.54 -18.59 2.19
CA LEU B 127 11.59 -17.42 1.34
C LEU B 127 10.98 -17.75 0.01
N ALA B 128 9.97 -16.99 -0.38
CA ALA B 128 9.26 -17.26 -1.62
C ALA B 128 8.83 -15.93 -2.22
N ILE B 129 8.43 -15.96 -3.49
CA ILE B 129 8.01 -14.75 -4.18
C ILE B 129 6.60 -14.90 -4.74
N CYS B 130 5.80 -13.85 -4.65
CA CYS B 130 4.51 -13.79 -5.31
C CYS B 130 4.44 -12.53 -6.13
N THR B 131 4.33 -12.69 -7.44
CA THR B 131 4.27 -11.56 -8.34
C THR B 131 2.94 -11.58 -9.09
N LEU B 132 2.33 -10.42 -9.23
CA LEU B 132 1.03 -10.35 -9.86
C LEU B 132 1.17 -10.53 -11.37
N LEU B 133 2.16 -9.88 -11.95
CA LEU B 133 2.41 -10.03 -13.37
C LEU B 133 3.84 -10.54 -13.68
N ASP B 134 3.91 -11.52 -14.59
CA ASP B 134 5.17 -12.07 -15.06
C ASP B 134 5.26 -11.82 -16.57
N LYS B 135 6.35 -11.18 -16.99
CA LYS B 135 6.62 -10.94 -18.42
C LYS B 135 7.85 -11.75 -18.84
N PRO B 136 7.68 -13.06 -19.06
CA PRO B 136 8.83 -13.97 -19.22
C PRO B 136 9.65 -13.73 -20.49
N SER B 137 9.06 -13.18 -21.54
CA SER B 137 9.80 -12.87 -22.76
C SER B 137 10.99 -11.97 -22.51
N ARG B 138 11.06 -11.38 -21.32
CA ARG B 138 12.09 -10.41 -21.04
C ARG B 138 13.01 -10.91 -19.95
N ARG B 139 12.78 -12.14 -19.51
CA ARG B 139 13.57 -12.71 -18.43
C ARG B 139 15.03 -12.78 -18.84
N GLU B 140 15.90 -12.24 -18.00
CA GLU B 140 17.34 -12.26 -18.25
C GLU B 140 17.98 -13.20 -17.25
N VAL B 141 17.73 -12.95 -15.97
CA VAL B 141 18.18 -13.84 -14.91
C VAL B 141 17.06 -14.81 -14.56
N ASN B 142 17.35 -16.10 -14.51
CA ASN B 142 16.31 -17.02 -14.11
C ASN B 142 16.14 -16.94 -12.60
N VAL B 143 14.96 -16.52 -12.18
CA VAL B 143 14.65 -16.47 -10.76
C VAL B 143 13.37 -17.23 -10.50
N PRO B 144 13.41 -18.12 -9.50
CA PRO B 144 12.28 -18.96 -9.14
C PRO B 144 11.15 -18.11 -8.54
N VAL B 145 9.96 -18.15 -9.14
CA VAL B 145 8.80 -17.46 -8.58
C VAL B 145 7.70 -18.45 -8.28
N GLU B 146 7.40 -18.64 -6.99
CA GLU B 146 6.45 -19.64 -6.50
C GLU B 146 5.00 -19.34 -6.89
N PHE B 147 4.63 -18.06 -6.93
CA PHE B 147 3.23 -17.68 -7.16
C PHE B 147 3.15 -16.59 -8.19
N ILE B 148 2.35 -16.82 -9.22
CA ILE B 148 2.25 -15.88 -10.30
C ILE B 148 0.80 -15.70 -10.61
N GLY B 149 0.39 -14.45 -10.81
CA GLY B 149 -1.00 -14.18 -11.06
C GLY B 149 -1.27 -14.35 -12.53
N PHE B 150 -0.51 -13.63 -13.32
CA PHE B 150 -0.63 -13.65 -14.76
C PHE B 150 0.73 -13.57 -15.42
N SER B 151 0.98 -14.49 -16.35
CA SER B 151 2.03 -14.33 -17.32
C SER B 151 1.47 -13.52 -18.48
N ILE B 152 2.17 -12.48 -18.89
CA ILE B 152 1.59 -11.58 -19.89
C ILE B 152 2.51 -11.36 -21.07
N PRO B 153 1.96 -10.92 -22.21
CA PRO B 153 2.74 -10.60 -23.41
C PRO B 153 3.70 -9.44 -23.19
N ASP B 154 4.54 -9.20 -24.18
CA ASP B 154 5.57 -8.16 -24.10
C ASP B 154 4.97 -6.80 -24.40
N GLU B 155 4.11 -6.33 -23.50
CA GLU B 155 3.49 -5.03 -23.67
C GLU B 155 3.68 -4.21 -22.39
N PHE B 156 3.73 -2.90 -22.53
CA PHE B 156 3.94 -2.04 -21.39
C PHE B 156 2.60 -1.83 -20.70
N VAL B 157 2.50 -2.28 -19.47
CA VAL B 157 1.22 -2.27 -18.82
C VAL B 157 1.19 -1.20 -17.75
N VAL B 158 -0.01 -0.72 -17.43
CA VAL B 158 -0.18 0.23 -16.34
C VAL B 158 -1.38 -0.17 -15.51
N GLY B 159 -1.48 0.45 -14.34
CA GLY B 159 -2.63 0.27 -13.51
C GLY B 159 -2.34 -0.62 -12.33
N TYR B 160 -3.32 -0.70 -11.43
CA TYR B 160 -3.21 -1.57 -10.28
C TYR B 160 -1.88 -1.43 -9.54
N GLY B 161 -1.45 -0.18 -9.40
CA GLY B 161 -0.24 0.15 -8.67
C GLY B 161 0.91 0.49 -9.59
N ILE B 162 0.80 0.01 -10.82
CA ILE B 162 1.85 0.14 -11.81
C ILE B 162 1.70 1.43 -12.61
N ASP B 163 2.77 2.19 -12.68
CA ASP B 163 2.73 3.49 -13.30
C ASP B 163 3.33 3.52 -14.69
N TYR B 164 2.92 4.51 -15.46
CA TYR B 164 3.67 4.95 -16.63
C TYR B 164 4.05 6.40 -16.37
N ALA B 165 5.34 6.63 -16.14
CA ALA B 165 5.81 7.97 -15.83
C ALA B 165 4.99 8.57 -14.69
N GLN B 166 4.86 7.81 -13.61
CA GLN B 166 4.11 8.23 -12.41
C GLN B 166 2.59 8.22 -12.56
N ARG B 167 2.11 7.94 -13.76
N ARG B 167 2.12 7.95 -13.76
CA ARG B 167 0.70 8.06 -14.05
CA ARG B 167 0.70 8.02 -14.03
C ARG B 167 0.01 6.70 -14.01
C ARG B 167 0.02 6.66 -13.94
N TYR B 168 -1.28 6.69 -13.70
CA TYR B 168 -2.14 5.50 -13.77
C TYR B 168 -2.10 4.47 -12.64
N ARG B 169 -1.34 4.71 -11.57
CA ARG B 169 -1.30 3.71 -10.48
C ARG B 169 -2.67 3.35 -9.91
N HIS B 170 -3.60 4.30 -9.94
CA HIS B 170 -4.89 4.14 -9.26
C HIS B 170 -5.95 3.41 -10.08
N LEU B 171 -5.64 3.00 -11.30
CA LEU B 171 -6.59 2.25 -12.11
C LEU B 171 -6.85 0.91 -11.45
N PRO B 172 -8.12 0.48 -11.42
CA PRO B 172 -8.56 -0.76 -10.75
C PRO B 172 -8.38 -1.96 -11.66
N TYR B 173 -7.88 -1.71 -12.87
CA TYR B 173 -7.57 -2.79 -13.79
C TYR B 173 -6.15 -2.63 -14.33
N ILE B 174 -5.64 -3.69 -14.94
CA ILE B 174 -4.40 -3.66 -15.71
C ILE B 174 -4.68 -3.28 -17.14
N GLY B 175 -3.92 -2.34 -17.68
CA GLY B 175 -4.07 -1.99 -19.08
C GLY B 175 -2.74 -1.76 -19.76
N LYS B 176 -2.78 -1.62 -21.08
CA LYS B 176 -1.58 -1.40 -21.86
C LYS B 176 -1.56 0.01 -22.45
N VAL B 177 -0.36 0.58 -22.46
CA VAL B 177 -0.12 1.86 -23.07
C VAL B 177 0.10 1.69 -24.57
N ILE B 178 -0.76 2.31 -25.37
CA ILE B 178 -0.64 2.25 -26.83
C ILE B 178 -0.16 3.58 -27.40
N LEU B 179 0.96 3.57 -28.11
CA LEU B 179 1.54 4.82 -28.62
C LEU B 179 0.83 5.38 -29.86
N LEU B 180 1.13 6.65 -30.16
CA LEU B 180 0.53 7.37 -31.29
C LEU B 180 -1.00 7.35 -31.20
#